data_3HDA
#
_entry.id   3HDA
#
_cell.length_a   101.858
_cell.length_b   101.858
_cell.length_c   122.521
_cell.angle_alpha   90.000
_cell.angle_beta   90.000
_cell.angle_gamma   120.000
#
_symmetry.space_group_name_H-M   'P 31 2 1'
#
loop_
_entity.id
_entity.type
_entity.pdbx_description
1 polymer 'Secreted protease C'
2 polymer 'Uncharacterized peptide'
3 non-polymer 'CALCIUM ION'
4 non-polymer 'CHLORIDE ION'
5 water water
#
loop_
_entity_poly.entity_id
_entity_poly.type
_entity_poly.pdbx_seq_one_letter_code
_entity_poly.pdbx_strand_id
1 'polypeptide(L)'
;ANTSSAYNSVYDFLRYHDRGDGLTVNGKTSYSIDQAAAQITRENVSWNGTNVFGKSANLTFKFLQSVSSIPSGDTGFVKF
NAEQIEQAKLSLQSWSDVANLTFTEVTGNKSANITFGNYTRDASGNLDYGTQAYAYYPGNYQGAGSSWYNYNQSNIRNPG
SEEYGRQTFTHEIGHALGLAHPGEYNAGEGDPSYNDAVYAEDSYQFSIASYWGENETGADYNGHYGGAPMIDDIAAIQRL
YGANMTTRTGDSVYGFNSNTDRDFYTATDSSKALIFSVWDAGGTDTFDFSGYSNNQRINLNEGSFSDVGGLKGNVSIAHG
VTIENAIGGSGNDILVGNSADNILQGGAGNDVLYGGAGADTLYGGAGRDTFVYGSGQDSTVAAYDWIADFQKGIDKIDLS
AFRNEGQLSFVQDQFTGKGQEVMLQWDAANSITNLWLHEAGHSSVDFLVRIVGQAAQSDIIV
;
P
2 'polypeptide(L)' AEAAQA Z
#
loop_
_chem_comp.id
_chem_comp.type
_chem_comp.name
_chem_comp.formula
CA non-polymer 'CALCIUM ION' 'Ca 2'
CL non-polymer 'CHLORIDE ION' 'Cl -1'
#
# COMPACT_ATOMS: atom_id res chain seq x y z
N ASN A 44 23.40 9.96 10.30
CA ASN A 44 22.64 10.10 9.06
C ASN A 44 23.55 10.44 7.88
N VAL A 45 23.57 9.57 6.89
CA VAL A 45 24.41 9.78 5.72
C VAL A 45 23.61 9.62 4.44
N SER A 46 24.00 10.35 3.41
CA SER A 46 23.39 10.23 2.10
C SER A 46 24.44 10.65 1.09
N TRP A 47 24.11 10.54 -0.19
CA TRP A 47 25.05 10.97 -1.22
C TRP A 47 25.29 12.48 -1.23
N ASN A 48 24.47 13.23 -0.49
CA ASN A 48 24.66 14.68 -0.42
C ASN A 48 25.50 15.11 0.79
N GLY A 49 25.98 14.13 1.55
CA GLY A 49 26.78 14.42 2.72
C GLY A 49 26.12 13.92 3.99
N THR A 50 26.60 14.39 5.13
CA THR A 50 26.05 13.99 6.42
C THR A 50 25.06 15.03 6.93
N ASN A 51 23.94 14.56 7.45
CA ASN A 51 22.90 15.43 8.01
C ASN A 51 22.38 16.47 7.01
N VAL A 52 22.26 16.05 5.76
CA VAL A 52 21.61 16.85 4.73
C VAL A 52 20.30 16.18 4.37
N PHE A 53 19.20 16.90 4.55
CA PHE A 53 17.87 16.31 4.35
C PHE A 53 17.04 16.99 3.27
N GLY A 54 16.23 16.19 2.58
CA GLY A 54 15.34 16.71 1.57
C GLY A 54 16.05 17.26 0.34
N LYS A 55 17.28 16.81 0.11
CA LYS A 55 18.00 17.25 -1.08
C LYS A 55 18.05 16.13 -2.12
N SER A 56 17.58 16.43 -3.33
CA SER A 56 17.54 15.44 -4.38
C SER A 56 18.95 15.01 -4.78
N ALA A 57 19.04 13.89 -5.50
CA ALA A 57 20.35 13.45 -5.99
C ALA A 57 20.21 12.82 -7.37
N ASN A 58 21.17 13.12 -8.23
CA ASN A 58 21.29 12.42 -9.49
C ASN A 58 22.48 11.50 -9.37
N LEU A 59 22.23 10.19 -9.48
CA LEU A 59 23.27 9.21 -9.21
C LEU A 59 23.54 8.35 -10.42
N THR A 60 24.76 7.80 -10.49
CA THR A 60 25.12 6.86 -11.52
C THR A 60 25.26 5.47 -10.92
N PHE A 61 25.06 4.46 -11.75
CA PHE A 61 25.24 3.08 -11.32
C PHE A 61 25.93 2.28 -12.41
N LYS A 62 26.57 1.19 -12.03
CA LYS A 62 27.35 0.41 -12.97
C LYS A 62 27.41 -1.07 -12.59
N PHE A 63 27.31 -1.92 -13.60
CA PHE A 63 27.48 -3.35 -13.41
C PHE A 63 28.93 -3.70 -13.73
N LEU A 64 29.72 -3.87 -12.69
CA LEU A 64 31.15 -4.13 -12.86
C LEU A 64 31.38 -5.33 -13.78
N GLN A 65 32.32 -5.19 -14.69
CA GLN A 65 32.70 -6.27 -15.61
C GLN A 65 33.95 -6.96 -15.12
N SER A 66 34.71 -6.27 -14.27
CA SER A 66 35.89 -6.83 -13.62
C SER A 66 36.24 -5.97 -12.42
N VAL A 67 37.11 -6.48 -11.55
CA VAL A 67 37.58 -5.72 -10.40
C VAL A 67 39.03 -6.06 -10.15
N SER A 68 39.75 -5.14 -9.50
CA SER A 68 41.10 -5.39 -9.04
C SER A 68 41.03 -6.04 -7.65
N SER A 69 39.99 -5.69 -6.91
CA SER A 69 39.69 -6.33 -5.63
C SER A 69 38.30 -5.95 -5.12
N ILE A 70 37.76 -6.75 -4.22
CA ILE A 70 36.48 -6.45 -3.58
C ILE A 70 36.80 -5.89 -2.20
N PRO A 71 36.18 -4.77 -1.84
CA PRO A 71 36.56 -4.04 -0.62
C PRO A 71 36.42 -4.87 0.67
N SER A 72 35.61 -5.92 0.64
CA SER A 72 35.43 -6.77 1.81
C SER A 72 36.57 -7.77 1.97
N GLY A 73 37.32 -8.00 0.91
CA GLY A 73 38.34 -9.04 0.94
C GLY A 73 37.85 -10.34 0.33
N ASP A 74 36.55 -10.44 0.07
CA ASP A 74 36.02 -11.59 -0.65
C ASP A 74 36.64 -11.66 -2.04
N THR A 75 36.60 -12.83 -2.67
CA THR A 75 37.23 -13.04 -3.97
C THR A 75 36.30 -13.84 -4.88
N GLY A 76 36.83 -14.26 -6.02
CA GLY A 76 36.05 -15.02 -6.97
C GLY A 76 34.93 -14.18 -7.55
N PHE A 77 35.29 -12.98 -8.00
CA PHE A 77 34.37 -12.07 -8.66
C PHE A 77 33.65 -12.70 -9.87
N VAL A 78 32.36 -12.41 -9.98
CA VAL A 78 31.56 -12.78 -11.14
C VAL A 78 30.64 -11.59 -11.50
N LYS A 79 30.67 -11.16 -12.76
CA LYS A 79 29.81 -10.05 -13.19
C LYS A 79 28.33 -10.43 -13.16
N PHE A 80 27.45 -9.43 -13.08
CA PHE A 80 25.99 -9.66 -13.12
C PHE A 80 25.53 -10.33 -14.41
N ASN A 81 24.59 -11.27 -14.30
CA ASN A 81 24.00 -11.87 -15.49
C ASN A 81 22.81 -11.03 -15.94
N ALA A 82 22.25 -11.35 -17.11
CA ALA A 82 21.17 -10.55 -17.68
C ALA A 82 19.94 -10.41 -16.78
N GLU A 83 19.57 -11.50 -16.09
CA GLU A 83 18.43 -11.46 -15.20
C GLU A 83 18.72 -10.60 -13.96
N GLN A 84 19.94 -10.67 -13.46
CA GLN A 84 20.32 -9.85 -12.31
C GLN A 84 20.28 -8.38 -12.70
N ILE A 85 20.72 -8.09 -13.92
CA ILE A 85 20.70 -6.72 -14.42
C ILE A 85 19.28 -6.17 -14.50
N GLU A 86 18.37 -6.94 -15.07
CA GLU A 86 16.98 -6.50 -15.17
C GLU A 86 16.36 -6.26 -13.80
N GLN A 87 16.57 -7.20 -12.90
CA GLN A 87 15.97 -7.11 -11.57
C GLN A 87 16.57 -5.98 -10.75
N ALA A 88 17.87 -5.74 -10.93
CA ALA A 88 18.52 -4.63 -10.25
C ALA A 88 17.94 -3.30 -10.71
N LYS A 89 17.64 -3.19 -12.01
CA LYS A 89 17.07 -1.97 -12.56
C LYS A 89 15.65 -1.76 -12.03
N LEU A 90 14.89 -2.83 -11.92
CA LEU A 90 13.56 -2.75 -11.31
C LEU A 90 13.66 -2.32 -9.84
N SER A 91 14.68 -2.79 -9.13
CA SER A 91 14.87 -2.37 -7.73
C SER A 91 15.23 -0.88 -7.64
N LEU A 92 16.14 -0.43 -8.50
CA LEU A 92 16.51 0.99 -8.56
C LEU A 92 15.26 1.83 -8.83
N GLN A 93 14.47 1.39 -9.81
CA GLN A 93 13.23 2.09 -10.15
C GLN A 93 12.28 2.21 -8.97
N SER A 94 12.22 1.19 -8.12
CA SER A 94 11.29 1.23 -6.98
C SER A 94 11.72 2.25 -5.93
N TRP A 95 13.01 2.59 -5.91
CA TRP A 95 13.53 3.66 -5.06
C TRP A 95 13.30 5.04 -5.67
N SER A 96 13.63 5.18 -6.97
CA SER A 96 13.44 6.47 -7.63
C SER A 96 11.95 6.81 -7.76
N ASP A 97 11.10 5.79 -7.68
CA ASP A 97 9.64 5.99 -7.65
C ASP A 97 9.20 6.83 -6.45
N VAL A 98 9.82 6.60 -5.29
CA VAL A 98 9.33 7.19 -4.06
C VAL A 98 10.11 8.43 -3.59
N ALA A 99 11.37 8.54 -4.01
CA ALA A 99 12.20 9.67 -3.61
C ALA A 99 12.83 10.37 -4.80
N ASN A 100 13.32 11.60 -4.60
CA ASN A 100 13.90 12.38 -5.68
C ASN A 100 15.31 11.94 -6.02
N LEU A 101 15.38 10.83 -6.74
CA LEU A 101 16.63 10.22 -7.15
C LEU A 101 16.51 9.96 -8.62
N THR A 102 17.59 10.16 -9.36
CA THR A 102 17.63 9.69 -10.72
C THR A 102 18.83 8.77 -10.85
N PHE A 103 18.69 7.73 -11.65
CA PHE A 103 19.76 6.75 -11.80
C PHE A 103 20.14 6.67 -13.27
N THR A 104 21.43 6.85 -13.54
CA THR A 104 21.92 6.78 -14.90
C THR A 104 23.03 5.75 -14.97
N GLU A 105 22.85 4.75 -15.82
CA GLU A 105 23.86 3.71 -15.91
C GLU A 105 25.10 4.25 -16.60
N VAL A 106 26.27 3.87 -16.12
CA VAL A 106 27.50 4.15 -16.85
C VAL A 106 28.25 2.86 -17.10
N THR A 107 29.16 2.89 -18.07
CA THR A 107 29.94 1.71 -18.43
C THR A 107 31.40 2.09 -18.61
N GLY A 108 32.19 1.15 -19.13
CA GLY A 108 33.60 1.40 -19.35
C GLY A 108 34.32 1.67 -18.05
N ASN A 109 35.22 2.65 -18.07
CA ASN A 109 36.04 2.93 -16.91
C ASN A 109 35.54 4.12 -16.09
N LYS A 110 34.35 4.58 -16.44
CA LYS A 110 33.71 5.64 -15.67
C LYS A 110 33.41 5.15 -14.26
N SER A 111 33.67 5.99 -13.27
CA SER A 111 33.32 5.65 -11.90
C SER A 111 31.82 5.82 -11.71
N ALA A 112 31.27 5.16 -10.71
CA ALA A 112 29.83 5.24 -10.46
C ALA A 112 29.55 5.30 -8.98
N ASN A 113 28.49 5.99 -8.62
CA ASN A 113 28.04 6.06 -7.23
C ASN A 113 27.73 4.67 -6.70
N ILE A 114 26.87 3.96 -7.42
CA ILE A 114 26.42 2.65 -6.98
C ILE A 114 26.90 1.58 -7.95
N THR A 115 27.54 0.53 -7.43
CA THR A 115 27.98 -0.56 -8.29
C THR A 115 27.41 -1.89 -7.85
N PHE A 116 27.35 -2.82 -8.81
CA PHE A 116 26.84 -4.16 -8.60
C PHE A 116 27.88 -5.19 -9.06
N GLY A 117 28.11 -6.23 -8.25
CA GLY A 117 28.97 -7.33 -8.63
C GLY A 117 28.75 -8.54 -7.74
N ASN A 118 29.11 -9.72 -8.22
CA ASN A 118 28.99 -10.95 -7.45
C ASN A 118 30.35 -11.41 -6.93
N TYR A 119 30.36 -12.17 -5.84
CA TYR A 119 31.57 -12.84 -5.35
C TYR A 119 31.21 -14.31 -5.12
N THR A 120 32.22 -15.16 -4.98
CA THR A 120 31.96 -16.59 -4.79
C THR A 120 32.86 -17.22 -3.72
N ARG A 121 33.86 -16.48 -3.25
CA ARG A 121 34.87 -17.07 -2.38
C ARG A 121 35.26 -16.08 -1.29
N ASP A 122 35.80 -16.57 -0.18
CA ASP A 122 36.25 -15.68 0.90
C ASP A 122 37.68 -15.21 0.66
N ALA A 123 38.21 -14.42 1.58
CA ALA A 123 39.58 -13.90 1.44
C ALA A 123 40.61 -15.02 1.39
N SER A 124 40.29 -16.15 2.01
CA SER A 124 41.19 -17.32 1.99
C SER A 124 41.15 -18.07 0.66
N GLY A 125 40.21 -17.70 -0.20
CA GLY A 125 40.07 -18.38 -1.49
C GLY A 125 39.22 -19.64 -1.43
N ASN A 126 38.54 -19.86 -0.30
CA ASN A 126 37.66 -21.02 -0.17
C ASN A 126 36.24 -20.68 -0.60
N LEU A 127 35.54 -21.65 -1.20
CA LEU A 127 34.18 -21.42 -1.66
C LEU A 127 33.28 -20.95 -0.52
N ASP A 128 32.48 -19.92 -0.80
CA ASP A 128 31.52 -19.39 0.16
C ASP A 128 30.10 -19.64 -0.32
N TYR A 129 29.44 -20.63 0.26
CA TYR A 129 28.05 -20.90 -0.11
C TYR A 129 27.10 -20.53 1.02
N GLY A 130 27.64 -19.90 2.06
CA GLY A 130 26.84 -19.52 3.22
C GLY A 130 26.28 -18.11 3.22
N THR A 131 27.08 -17.11 2.86
CA THR A 131 26.64 -15.71 2.97
C THR A 131 25.71 -15.32 1.82
N GLN A 132 25.13 -14.13 1.93
CA GLN A 132 24.09 -13.69 0.99
C GLN A 132 24.50 -12.45 0.21
N ALA A 133 24.76 -11.35 0.90
CA ALA A 133 25.08 -10.08 0.23
C ALA A 133 25.45 -9.00 1.24
N TYR A 134 26.06 -7.92 0.76
CA TYR A 134 26.36 -6.77 1.62
C TYR A 134 26.57 -5.54 0.76
N ALA A 135 26.54 -4.37 1.37
CA ALA A 135 26.72 -3.13 0.64
C ALA A 135 27.37 -2.06 1.51
N TYR A 136 27.88 -1.00 0.87
CA TYR A 136 28.60 0.05 1.57
C TYR A 136 27.89 1.39 1.44
N TYR A 137 27.89 2.15 2.54
CA TYR A 137 27.27 3.47 2.62
C TYR A 137 27.79 4.42 1.56
N PRO A 138 27.02 5.48 1.25
CA PRO A 138 27.53 6.57 0.41
C PRO A 138 28.76 7.19 1.07
N GLY A 139 29.62 7.79 0.28
CA GLY A 139 30.83 8.41 0.80
C GLY A 139 31.89 8.60 -0.26
N ASN A 140 33.06 9.08 0.15
CA ASN A 140 34.16 9.30 -0.77
C ASN A 140 35.22 8.21 -0.66
N TYR A 141 35.06 7.32 0.30
CA TYR A 141 36.01 6.25 0.50
C TYR A 141 35.92 5.20 -0.60
N GLN A 142 36.92 4.34 -0.65
CA GLN A 142 37.03 3.32 -1.70
C GLN A 142 35.95 2.26 -1.54
N GLY A 143 35.14 2.10 -2.58
CA GLY A 143 34.07 1.10 -2.54
C GLY A 143 32.76 1.63 -1.98
N ALA A 144 32.72 2.91 -1.62
CA ALA A 144 31.47 3.51 -1.18
C ALA A 144 30.38 3.27 -2.22
N GLY A 145 29.18 2.93 -1.78
CA GLY A 145 28.08 2.70 -2.68
C GLY A 145 28.13 1.37 -3.42
N SER A 146 29.18 0.58 -3.21
CA SER A 146 29.26 -0.71 -3.89
C SER A 146 28.40 -1.76 -3.19
N SER A 147 27.81 -2.67 -3.96
CA SER A 147 27.04 -3.77 -3.39
C SER A 147 27.47 -5.10 -4.00
N TRP A 148 27.43 -6.14 -3.19
CA TRP A 148 28.06 -7.42 -3.52
C TRP A 148 27.15 -8.57 -3.13
N TYR A 149 27.06 -9.56 -4.01
CA TYR A 149 26.09 -10.65 -3.84
C TYR A 149 26.74 -12.00 -4.07
N ASN A 150 26.35 -12.99 -3.28
CA ASN A 150 26.95 -14.31 -3.37
C ASN A 150 26.40 -15.13 -4.54
N TYR A 151 27.21 -15.30 -5.58
CA TYR A 151 26.76 -15.96 -6.82
C TYR A 151 26.51 -17.45 -6.61
N ASN A 152 26.99 -17.99 -5.49
CA ASN A 152 26.70 -19.40 -5.20
C ASN A 152 25.28 -19.62 -4.68
N GLN A 153 24.56 -18.52 -4.40
CA GLN A 153 23.15 -18.60 -3.99
C GLN A 153 22.24 -18.58 -5.21
N SER A 154 21.38 -19.58 -5.36
CA SER A 154 20.45 -19.58 -6.50
C SER A 154 19.54 -18.35 -6.49
N ASN A 155 19.18 -17.85 -5.32
CA ASN A 155 18.28 -16.70 -5.28
C ASN A 155 18.98 -15.45 -5.81
N ILE A 156 20.29 -15.37 -5.63
CA ILE A 156 21.10 -14.28 -6.18
C ILE A 156 21.26 -14.40 -7.70
N ARG A 157 21.42 -15.62 -8.20
CA ARG A 157 21.59 -15.83 -9.63
C ARG A 157 20.27 -15.68 -10.38
N ASN A 158 19.16 -16.04 -9.72
CA ASN A 158 17.83 -16.01 -10.33
C ASN A 158 16.86 -15.11 -9.57
N PRO A 159 17.17 -13.81 -9.43
CA PRO A 159 16.37 -12.95 -8.56
C PRO A 159 14.97 -12.69 -9.10
N GLY A 160 14.78 -12.96 -10.39
CA GLY A 160 13.49 -12.78 -11.03
C GLY A 160 12.50 -13.88 -10.70
N SER A 161 13.01 -15.05 -10.33
CA SER A 161 12.12 -16.19 -10.02
C SER A 161 12.25 -16.60 -8.56
N GLU A 162 13.26 -16.09 -7.86
CA GLU A 162 13.39 -16.36 -6.44
C GLU A 162 13.34 -15.04 -5.68
N GLU A 163 12.16 -14.75 -5.14
CA GLU A 163 11.81 -13.45 -4.57
C GLU A 163 12.81 -12.87 -3.58
N TYR A 164 13.50 -13.72 -2.83
CA TYR A 164 14.47 -13.23 -1.86
C TYR A 164 15.60 -12.50 -2.57
N GLY A 165 15.91 -12.92 -3.78
CA GLY A 165 16.97 -12.29 -4.55
C GLY A 165 16.63 -10.84 -4.87
N ARG A 166 15.44 -10.61 -5.40
CA ARG A 166 14.99 -9.26 -5.71
C ARG A 166 14.93 -8.42 -4.44
N GLN A 167 14.45 -9.00 -3.34
CA GLN A 167 14.38 -8.25 -2.10
C GLN A 167 15.78 -7.86 -1.63
N THR A 168 16.74 -8.76 -1.80
CA THR A 168 18.12 -8.47 -1.42
C THR A 168 18.68 -7.30 -2.23
N PHE A 169 18.43 -7.28 -3.53
CA PHE A 169 18.85 -6.15 -4.38
C PHE A 169 18.27 -4.85 -3.81
N THR A 170 16.97 -4.85 -3.53
CA THR A 170 16.31 -3.67 -3.02
C THR A 170 16.93 -3.18 -1.70
N HIS A 171 17.12 -4.09 -0.75
CA HIS A 171 17.77 -3.77 0.53
C HIS A 171 19.20 -3.24 0.36
N GLU A 172 20.00 -3.93 -0.46
CA GLU A 172 21.38 -3.53 -0.68
C GLU A 172 21.48 -2.13 -1.28
N ILE A 173 20.64 -1.86 -2.27
CA ILE A 173 20.58 -0.54 -2.85
C ILE A 173 20.15 0.49 -1.80
N GLY A 174 19.20 0.11 -0.96
CA GLY A 174 18.78 0.96 0.14
C GLY A 174 19.96 1.39 1.00
N HIS A 175 20.84 0.46 1.34
CA HIS A 175 22.00 0.79 2.15
C HIS A 175 23.01 1.65 1.39
N ALA A 176 23.21 1.33 0.11
CA ALA A 176 24.11 2.11 -0.75
C ALA A 176 23.58 3.52 -0.98
N LEU A 177 22.32 3.74 -0.61
CA LEU A 177 21.70 5.06 -0.68
C LEU A 177 21.79 5.82 0.65
N GLY A 178 22.13 5.11 1.72
CA GLY A 178 22.26 5.74 3.02
C GLY A 178 21.35 5.21 4.12
N LEU A 179 20.48 4.24 3.82
CA LEU A 179 19.63 3.63 4.86
C LEU A 179 20.42 2.67 5.75
N ALA A 180 20.31 2.87 7.05
CA ALA A 180 21.03 2.04 8.02
C ALA A 180 20.52 0.60 8.09
N HIS A 181 19.20 0.43 8.14
CA HIS A 181 18.62 -0.90 8.25
C HIS A 181 17.42 -1.10 7.31
N PRO A 182 17.70 -1.30 6.00
CA PRO A 182 16.61 -1.51 5.03
C PRO A 182 15.74 -2.72 5.38
N GLY A 183 14.46 -2.65 5.01
CA GLY A 183 13.53 -3.74 5.27
C GLY A 183 12.91 -3.67 6.65
N TYR A 221 4.01 -13.78 5.81
CA TYR A 221 3.76 -13.69 4.38
C TYR A 221 3.86 -15.04 3.68
N ASN A 222 3.73 -16.12 4.43
CA ASN A 222 3.57 -17.43 3.80
C ASN A 222 4.77 -17.83 2.93
N GLY A 223 5.96 -17.38 3.32
CA GLY A 223 7.17 -17.73 2.58
C GLY A 223 7.52 -16.80 1.42
N HIS A 224 6.74 -15.73 1.24
CA HIS A 224 6.99 -14.76 0.18
C HIS A 224 7.78 -13.57 0.71
N TYR A 225 8.42 -12.83 -0.20
CA TYR A 225 9.19 -11.65 0.18
C TYR A 225 8.84 -10.44 -0.68
N GLY A 226 8.55 -9.32 -0.03
CA GLY A 226 8.30 -8.09 -0.75
C GLY A 226 9.55 -7.62 -1.47
N GLY A 227 9.38 -7.20 -2.73
CA GLY A 227 10.51 -6.79 -3.54
C GLY A 227 10.77 -5.30 -3.54
N ALA A 228 9.89 -4.52 -2.91
CA ALA A 228 10.02 -3.07 -2.97
C ALA A 228 10.07 -2.44 -1.58
N PRO A 229 10.49 -1.16 -1.51
CA PRO A 229 10.59 -0.48 -0.21
C PRO A 229 9.29 -0.52 0.59
N MET A 230 9.39 -0.81 1.88
CA MET A 230 8.23 -0.83 2.77
C MET A 230 8.04 0.51 3.48
N ILE A 231 7.01 0.59 4.32
CA ILE A 231 6.54 1.89 4.80
C ILE A 231 7.63 2.75 5.47
N ASP A 232 8.43 2.14 6.34
CA ASP A 232 9.49 2.88 7.04
C ASP A 232 10.64 3.26 6.11
N ASP A 233 11.00 2.35 5.20
CA ASP A 233 11.99 2.63 4.16
C ASP A 233 11.60 3.86 3.36
N ILE A 234 10.33 3.93 2.96
CA ILE A 234 9.85 5.04 2.15
C ILE A 234 9.99 6.36 2.92
N ALA A 235 9.54 6.37 4.17
CA ALA A 235 9.65 7.56 5.00
C ALA A 235 11.12 7.99 5.09
N ALA A 236 11.99 7.03 5.40
CA ALA A 236 13.41 7.32 5.63
C ALA A 236 14.08 7.87 4.37
N ILE A 237 13.87 7.19 3.24
CA ILE A 237 14.50 7.60 1.99
C ILE A 237 14.00 8.98 1.54
N GLN A 238 12.74 9.29 1.86
CA GLN A 238 12.19 10.58 1.49
C GLN A 238 12.75 11.67 2.41
N ARG A 239 13.02 11.30 3.65
CA ARG A 239 13.67 12.21 4.57
C ARG A 239 15.02 12.63 4.00
N LEU A 240 15.76 11.68 3.44
CA LEU A 240 17.08 11.97 2.87
C LEU A 240 17.02 12.78 1.57
N TYR A 241 16.22 12.33 0.61
CA TYR A 241 16.30 12.92 -0.73
C TYR A 241 15.05 13.67 -1.18
N GLY A 242 14.04 13.73 -0.32
CA GLY A 242 12.79 14.36 -0.67
C GLY A 242 11.85 13.37 -1.35
N ALA A 243 10.55 13.60 -1.20
CA ALA A 243 9.55 12.74 -1.80
C ALA A 243 9.36 13.03 -3.29
N ASN A 244 9.13 11.98 -4.07
CA ASN A 244 8.89 12.12 -5.50
C ASN A 244 7.41 12.36 -5.79
N MET A 245 7.05 13.60 -6.08
CA MET A 245 5.65 13.95 -6.30
C MET A 245 5.17 13.81 -7.75
N THR A 246 5.98 13.22 -8.62
CA THR A 246 5.57 13.00 -10.02
C THR A 246 5.10 11.55 -10.28
N THR A 247 5.14 10.72 -9.23
CA THR A 247 4.89 9.30 -9.41
C THR A 247 3.42 8.93 -9.37
N ARG A 248 2.94 8.30 -10.44
CA ARG A 248 1.57 7.81 -10.53
C ARG A 248 0.57 8.87 -10.10
N THR A 249 0.59 10.03 -10.75
CA THR A 249 -0.30 11.12 -10.36
C THR A 249 -1.68 11.03 -11.01
N GLY A 250 -1.85 10.08 -11.93
CA GLY A 250 -3.14 9.81 -12.55
C GLY A 250 -3.97 8.87 -11.69
N ASP A 251 -5.09 8.39 -12.21
CA ASP A 251 -5.90 7.43 -11.47
C ASP A 251 -5.26 6.02 -11.47
N SER A 252 -4.70 5.62 -10.33
CA SER A 252 -3.90 4.40 -10.26
C SER A 252 -4.65 3.22 -9.66
N VAL A 253 -4.49 2.04 -10.26
CA VAL A 253 -5.07 0.83 -9.70
C VAL A 253 -3.97 -0.14 -9.23
N TYR A 254 -4.06 -0.54 -7.95
CA TYR A 254 -3.10 -1.45 -7.33
C TYR A 254 -3.77 -2.79 -7.07
N GLY A 255 -3.07 -3.88 -7.33
CA GLY A 255 -3.63 -5.21 -7.13
C GLY A 255 -3.98 -5.86 -8.46
N PHE A 256 -5.19 -6.41 -8.55
CA PHE A 256 -5.66 -6.98 -9.80
C PHE A 256 -5.99 -5.85 -10.78
N ASN A 257 -5.84 -6.12 -12.07
CA ASN A 257 -6.11 -5.11 -13.09
C ASN A 257 -5.29 -3.84 -12.87
N SER A 258 -4.07 -4.01 -12.37
CA SER A 258 -3.22 -2.87 -12.06
C SER A 258 -2.81 -2.14 -13.32
N ASN A 259 -2.69 -0.82 -13.24
CA ASN A 259 -2.14 -0.05 -14.34
C ASN A 259 -0.79 0.57 -13.97
N THR A 260 -0.16 0.05 -12.92
CA THR A 260 1.09 0.61 -12.41
C THR A 260 2.34 0.23 -13.22
N ASP A 261 2.27 -0.87 -13.95
CA ASP A 261 3.46 -1.40 -14.61
C ASP A 261 4.58 -1.64 -13.58
N ARG A 262 4.19 -2.07 -12.38
CA ARG A 262 5.16 -2.52 -11.38
C ARG A 262 4.76 -3.91 -10.91
N ASP A 263 5.67 -4.87 -11.02
CA ASP A 263 5.36 -6.24 -10.64
C ASP A 263 4.90 -6.36 -9.18
N PHE A 264 5.51 -5.58 -8.28
CA PHE A 264 5.16 -5.69 -6.86
C PHE A 264 3.80 -5.10 -6.50
N TYR A 265 3.22 -4.31 -7.41
CA TYR A 265 1.89 -3.76 -7.22
C TYR A 265 0.83 -4.55 -8.00
N THR A 266 1.25 -5.60 -8.70
CA THR A 266 0.38 -6.27 -9.67
C THR A 266 0.07 -7.73 -9.31
N ALA A 267 -1.20 -8.10 -9.35
CA ALA A 267 -1.60 -9.48 -9.16
C ALA A 267 -2.32 -9.95 -10.43
N THR A 268 -1.85 -11.05 -11.01
CA THR A 268 -2.39 -11.53 -12.29
C THR A 268 -3.39 -12.65 -12.10
N ASP A 269 -3.21 -13.41 -11.03
CA ASP A 269 -4.21 -14.41 -10.66
C ASP A 269 -4.18 -14.66 -9.15
N SER A 270 -5.21 -15.35 -8.66
CA SER A 270 -5.48 -15.46 -7.23
C SER A 270 -4.36 -16.12 -6.42
N SER A 271 -3.40 -16.72 -7.12
CA SER A 271 -2.28 -17.38 -6.45
C SER A 271 -1.12 -16.39 -6.22
N LYS A 272 -1.21 -15.23 -6.86
CA LYS A 272 -0.19 -14.20 -6.71
C LYS A 272 -0.34 -13.48 -5.38
N ALA A 273 0.66 -13.63 -4.51
CA ALA A 273 0.71 -12.91 -3.25
C ALA A 273 1.11 -11.46 -3.50
N LEU A 274 0.54 -10.55 -2.73
CA LEU A 274 0.91 -9.13 -2.83
C LEU A 274 1.57 -8.70 -1.54
N ILE A 275 2.73 -8.06 -1.66
CA ILE A 275 3.40 -7.49 -0.51
C ILE A 275 3.96 -6.14 -0.94
N PHE A 276 3.36 -5.06 -0.47
CA PHE A 276 3.81 -3.73 -0.86
C PHE A 276 3.35 -2.64 0.08
N SER A 277 4.06 -1.52 0.02
CA SER A 277 3.64 -0.28 0.66
C SER A 277 3.48 0.75 -0.47
N VAL A 278 2.27 1.26 -0.65
CA VAL A 278 2.02 2.09 -1.83
C VAL A 278 2.47 3.53 -1.67
N TRP A 279 3.27 4.00 -2.62
CA TRP A 279 3.55 5.42 -2.76
C TRP A 279 2.77 5.91 -3.98
N ASP A 280 2.02 6.99 -3.81
CA ASP A 280 1.18 7.49 -4.89
C ASP A 280 1.03 8.99 -4.71
N ALA A 281 1.38 9.77 -5.74
CA ALA A 281 1.46 11.22 -5.60
C ALA A 281 0.25 12.04 -6.11
N GLY A 282 -0.83 11.39 -6.53
CA GLY A 282 -2.03 12.14 -6.91
C GLY A 282 -3.10 11.35 -7.64
N GLY A 283 -4.28 11.93 -7.83
CA GLY A 283 -5.31 11.27 -8.62
C GLY A 283 -6.24 10.41 -7.80
N THR A 284 -7.19 9.74 -8.44
CA THR A 284 -8.17 8.93 -7.74
C THR A 284 -7.80 7.48 -7.87
N ASP A 285 -7.46 6.85 -6.76
CA ASP A 285 -6.82 5.53 -6.80
C ASP A 285 -7.64 4.41 -6.16
N THR A 286 -7.38 3.19 -6.63
CA THR A 286 -8.13 2.02 -6.22
C THR A 286 -7.23 0.86 -5.78
N PHE A 287 -7.60 0.26 -4.65
CA PHE A 287 -7.07 -1.04 -4.21
C PHE A 287 -8.01 -2.11 -4.76
N ASP A 288 -7.60 -2.80 -5.82
CA ASP A 288 -8.46 -3.82 -6.40
C ASP A 288 -7.99 -5.20 -5.96
N PHE A 289 -8.63 -5.73 -4.92
CA PHE A 289 -8.28 -7.05 -4.42
C PHE A 289 -9.40 -8.03 -4.71
N SER A 290 -10.02 -7.86 -5.88
CA SER A 290 -11.21 -8.62 -6.24
C SER A 290 -10.93 -10.08 -6.59
N GLY A 291 -9.69 -10.42 -6.90
CA GLY A 291 -9.37 -11.77 -7.33
C GLY A 291 -9.18 -12.81 -6.24
N TYR A 292 -9.30 -12.41 -4.97
CA TYR A 292 -9.04 -13.33 -3.86
C TYR A 292 -10.33 -13.84 -3.25
N SER A 293 -10.29 -15.04 -2.70
CA SER A 293 -11.46 -15.60 -2.03
C SER A 293 -11.28 -15.61 -0.51
N ASN A 294 -10.08 -15.30 -0.04
CA ASN A 294 -9.81 -15.18 1.38
C ASN A 294 -10.63 -14.05 2.01
N ASN A 295 -10.93 -14.16 3.29
CA ASN A 295 -11.48 -13.03 4.03
C ASN A 295 -10.41 -11.96 4.14
N GLN A 296 -10.70 -10.74 3.70
CA GLN A 296 -9.70 -9.68 3.72
C GLN A 296 -10.09 -8.52 4.62
N ARG A 297 -9.10 -7.84 5.16
CA ARG A 297 -9.34 -6.60 5.88
C ARG A 297 -8.58 -5.49 5.16
N ILE A 298 -9.31 -4.56 4.57
CA ILE A 298 -8.71 -3.56 3.72
C ILE A 298 -8.92 -2.19 4.34
N ASN A 299 -7.81 -1.52 4.65
CA ASN A 299 -7.84 -0.20 5.29
C ASN A 299 -7.23 0.89 4.41
N LEU A 300 -8.03 1.91 4.09
CA LEU A 300 -7.58 2.98 3.18
C LEU A 300 -6.88 4.14 3.92
N ASN A 301 -6.75 4.03 5.23
CA ASN A 301 -6.12 5.08 5.99
C ASN A 301 -4.61 5.16 5.76
N GLU A 302 -4.14 6.38 5.54
CA GLU A 302 -2.72 6.66 5.40
C GLU A 302 -1.95 6.02 6.56
N GLY A 303 -0.91 5.26 6.25
CA GLY A 303 -0.08 4.64 7.26
C GLY A 303 -0.62 3.34 7.83
N SER A 304 -1.78 2.89 7.35
CA SER A 304 -2.40 1.69 7.93
C SER A 304 -2.07 0.43 7.14
N PHE A 305 -2.21 -0.70 7.81
CA PHE A 305 -1.94 -2.01 7.21
C PHE A 305 -3.22 -2.77 6.90
N SER A 306 -3.19 -3.55 5.83
CA SER A 306 -4.32 -4.38 5.42
C SER A 306 -3.89 -5.84 5.39
N ASP A 307 -4.86 -6.73 5.55
CA ASP A 307 -4.63 -8.17 5.43
C ASP A 307 -5.22 -8.60 4.10
N VAL A 308 -4.36 -8.89 3.15
CA VAL A 308 -4.79 -9.06 1.76
C VAL A 308 -4.45 -10.44 1.19
N GLY A 309 -5.39 -11.01 0.45
CA GLY A 309 -5.17 -12.29 -0.20
C GLY A 309 -4.76 -13.41 0.74
N GLY A 310 -5.25 -13.36 1.98
CA GLY A 310 -4.96 -14.43 2.92
C GLY A 310 -3.68 -14.27 3.72
N LEU A 311 -2.91 -13.24 3.41
CA LEU A 311 -1.72 -12.89 4.18
C LEU A 311 -2.12 -11.89 5.24
N LYS A 312 -1.19 -11.53 6.12
CA LYS A 312 -1.50 -10.56 7.15
C LYS A 312 -0.53 -9.40 7.17
N GLY A 313 -1.07 -8.18 7.20
CA GLY A 313 -0.26 -6.98 7.18
C GLY A 313 0.69 -6.93 5.99
N ASN A 314 0.27 -7.53 4.87
CA ASN A 314 1.11 -7.56 3.67
C ASN A 314 1.00 -6.30 2.82
N VAL A 315 -0.07 -5.53 3.04
CA VAL A 315 -0.27 -4.29 2.30
C VAL A 315 -0.32 -3.09 3.24
N SER A 316 0.29 -1.99 2.84
CA SER A 316 0.21 -0.76 3.63
C SER A 316 0.21 0.46 2.73
N ILE A 317 -0.21 1.60 3.27
CA ILE A 317 -0.24 2.85 2.55
C ILE A 317 0.76 3.80 3.18
N ALA A 318 1.75 4.24 2.39
CA ALA A 318 2.80 5.09 2.92
C ALA A 318 2.25 6.38 3.50
N HIS A 319 2.98 6.97 4.45
CA HIS A 319 2.62 8.27 4.99
CA HIS A 319 2.63 8.26 5.00
C HIS A 319 2.67 9.31 3.88
N GLY A 320 1.66 10.16 3.82
CA GLY A 320 1.60 11.20 2.81
C GLY A 320 0.78 10.80 1.59
N VAL A 321 0.11 9.65 1.65
CA VAL A 321 -0.63 9.12 0.51
C VAL A 321 -2.12 8.94 0.80
N THR A 322 -2.96 9.35 -0.15
CA THR A 322 -4.40 9.15 -0.03
C THR A 322 -4.90 8.19 -1.11
N ILE A 323 -5.36 7.00 -0.71
CA ILE A 323 -6.03 6.08 -1.63
C ILE A 323 -7.56 6.18 -1.43
N GLU A 324 -8.30 6.24 -2.53
CA GLU A 324 -9.72 6.59 -2.48
C GLU A 324 -10.70 5.41 -2.46
N ASN A 325 -10.42 4.40 -3.28
CA ASN A 325 -11.38 3.32 -3.51
C ASN A 325 -10.81 1.94 -3.20
N ALA A 326 -11.70 0.99 -2.96
CA ALA A 326 -11.28 -0.36 -2.61
C ALA A 326 -12.32 -1.38 -3.08
N ILE A 327 -11.82 -2.51 -3.58
CA ILE A 327 -12.68 -3.61 -4.02
C ILE A 327 -12.25 -4.90 -3.33
N GLY A 328 -13.17 -5.49 -2.57
CA GLY A 328 -12.90 -6.74 -1.88
C GLY A 328 -13.06 -7.92 -2.81
N GLY A 329 -12.85 -9.13 -2.28
CA GLY A 329 -12.97 -10.34 -3.08
C GLY A 329 -14.23 -11.11 -2.74
N SER A 330 -14.23 -12.41 -2.98
CA SER A 330 -15.44 -13.17 -2.72
C SER A 330 -15.53 -13.66 -1.27
N GLY A 331 -14.55 -13.27 -0.45
CA GLY A 331 -14.55 -13.65 0.95
C GLY A 331 -15.37 -12.68 1.78
N ASN A 332 -15.47 -12.93 3.08
CA ASN A 332 -16.15 -12.02 3.98
C ASN A 332 -15.18 -10.95 4.45
N ASP A 333 -15.29 -9.77 3.86
CA ASP A 333 -14.27 -8.73 4.01
C ASP A 333 -14.69 -7.58 4.91
N ILE A 334 -13.68 -6.85 5.38
CA ILE A 334 -13.92 -5.58 6.06
C ILE A 334 -13.23 -4.49 5.25
N LEU A 335 -14.00 -3.49 4.80
CA LEU A 335 -13.44 -2.37 4.07
C LEU A 335 -13.59 -1.08 4.88
N VAL A 336 -12.47 -0.49 5.24
CA VAL A 336 -12.45 0.73 6.03
C VAL A 336 -11.96 1.91 5.19
N GLY A 337 -12.84 2.87 4.94
CA GLY A 337 -12.46 4.05 4.19
C GLY A 337 -11.71 5.06 5.04
N ASN A 338 -11.42 6.22 4.48
CA ASN A 338 -10.72 7.27 5.20
C ASN A 338 -11.57 8.52 5.10
N SER A 339 -10.98 9.70 5.33
CA SER A 339 -11.78 10.92 5.38
C SER A 339 -12.14 11.45 3.99
N ALA A 340 -11.53 10.87 2.96
CA ALA A 340 -11.83 11.26 1.59
C ALA A 340 -13.16 10.65 1.15
N ASP A 341 -13.65 11.03 -0.03
CA ASP A 341 -14.83 10.40 -0.59
C ASP A 341 -14.44 9.06 -1.20
N ASN A 342 -14.90 7.96 -0.60
CA ASN A 342 -14.49 6.63 -1.01
C ASN A 342 -15.58 5.88 -1.75
N ILE A 343 -15.19 5.14 -2.79
CA ILE A 343 -16.08 4.16 -3.39
C ILE A 343 -15.65 2.77 -2.93
N LEU A 344 -16.48 2.12 -2.13
CA LEU A 344 -16.14 0.81 -1.59
C LEU A 344 -17.04 -0.28 -2.17
N GLN A 345 -16.43 -1.34 -2.67
CA GLN A 345 -17.20 -2.49 -3.17
C GLN A 345 -16.83 -3.75 -2.41
N GLY A 346 -17.82 -4.36 -1.77
CA GLY A 346 -17.58 -5.60 -1.03
C GLY A 346 -17.33 -6.82 -1.89
N GLY A 347 -17.99 -6.91 -3.04
CA GLY A 347 -17.95 -8.13 -3.83
C GLY A 347 -18.83 -9.20 -3.19
N ALA A 348 -18.73 -10.45 -3.64
CA ALA A 348 -19.52 -11.54 -3.05
C ALA A 348 -19.10 -11.75 -1.60
N GLY A 349 -19.81 -12.59 -0.86
CA GLY A 349 -19.49 -12.81 0.55
C GLY A 349 -20.14 -11.77 1.43
N ASN A 350 -20.07 -11.97 2.75
CA ASN A 350 -20.72 -11.05 3.69
C ASN A 350 -19.75 -10.04 4.24
N ASP A 351 -19.83 -8.82 3.74
CA ASP A 351 -18.83 -7.79 4.01
C ASP A 351 -19.29 -6.70 4.97
N VAL A 352 -18.33 -6.10 5.64
CA VAL A 352 -18.58 -4.94 6.48
C VAL A 352 -17.91 -3.73 5.84
N LEU A 353 -18.71 -2.74 5.48
CA LEU A 353 -18.19 -1.52 4.87
C LEU A 353 -18.36 -0.32 5.80
N TYR A 354 -17.28 0.45 5.93
CA TYR A 354 -17.26 1.63 6.78
C TYR A 354 -16.68 2.81 6.01
N GLY A 355 -17.54 3.73 5.59
CA GLY A 355 -17.11 4.88 4.82
C GLY A 355 -16.29 5.88 5.60
N GLY A 356 -16.55 6.04 6.90
CA GLY A 356 -15.89 7.09 7.66
C GLY A 356 -16.34 8.46 7.19
N ALA A 357 -15.54 9.49 7.43
CA ALA A 357 -15.91 10.85 7.01
C ALA A 357 -15.95 11.00 5.49
N GLY A 358 -16.59 12.05 4.99
CA GLY A 358 -16.66 12.28 3.55
C GLY A 358 -17.87 11.63 2.92
N ALA A 359 -18.16 11.97 1.66
CA ALA A 359 -19.32 11.45 0.95
C ALA A 359 -18.91 10.18 0.20
N ASP A 360 -19.24 9.04 0.78
CA ASP A 360 -18.82 7.76 0.24
C ASP A 360 -19.94 7.10 -0.55
N THR A 361 -19.55 6.21 -1.47
CA THR A 361 -20.51 5.45 -2.26
C THR A 361 -20.20 3.98 -2.04
N LEU A 362 -21.19 3.26 -1.52
CA LEU A 362 -20.95 1.93 -0.97
C LEU A 362 -21.75 0.89 -1.74
N TYR A 363 -21.04 -0.15 -2.19
CA TYR A 363 -21.65 -1.30 -2.84
C TYR A 363 -21.35 -2.53 -2.00
N GLY A 364 -22.38 -3.09 -1.40
CA GLY A 364 -22.20 -4.29 -0.61
C GLY A 364 -21.86 -5.49 -1.47
N GLY A 365 -22.39 -5.54 -2.69
CA GLY A 365 -22.23 -6.70 -3.56
C GLY A 365 -23.22 -7.79 -3.18
N ALA A 366 -23.09 -8.97 -3.77
CA ALA A 366 -23.90 -10.12 -3.38
C ALA A 366 -23.57 -10.47 -1.93
N GLY A 367 -24.48 -11.14 -1.23
CA GLY A 367 -24.22 -11.55 0.14
C GLY A 367 -24.91 -10.65 1.17
N ARG A 368 -24.77 -10.99 2.45
CA ARG A 368 -25.38 -10.21 3.52
C ARG A 368 -24.39 -9.19 4.09
N ASP A 369 -24.52 -7.94 3.64
CA ASP A 369 -23.54 -6.93 3.94
C ASP A 369 -24.05 -5.92 4.96
N THR A 370 -23.11 -5.32 5.68
CA THR A 370 -23.43 -4.38 6.73
C THR A 370 -22.70 -3.07 6.47
N PHE A 371 -23.47 -1.99 6.43
CA PHE A 371 -22.92 -0.65 6.24
C PHE A 371 -22.87 0.05 7.58
N VAL A 372 -21.65 0.36 8.04
CA VAL A 372 -21.46 0.83 9.41
C VAL A 372 -21.25 2.34 9.50
N TYR A 373 -21.93 2.95 10.47
CA TYR A 373 -21.79 4.38 10.74
C TYR A 373 -21.42 4.61 12.20
N GLY A 374 -20.31 5.30 12.40
CA GLY A 374 -19.72 5.46 13.72
C GLY A 374 -19.92 6.81 14.36
N SER A 375 -20.41 7.78 13.58
CA SER A 375 -20.76 9.07 14.13
C SER A 375 -21.54 9.92 13.13
N GLY A 376 -22.16 10.99 13.62
CA GLY A 376 -22.94 11.88 12.77
C GLY A 376 -22.09 12.49 11.67
N GLN A 377 -20.80 12.64 11.92
CA GLN A 377 -19.89 13.23 10.94
C GLN A 377 -19.64 12.30 9.76
N ASP A 378 -20.07 11.05 9.86
CA ASP A 378 -19.86 10.09 8.79
C ASP A 378 -20.68 10.41 7.56
N SER A 379 -21.83 11.06 7.74
CA SER A 379 -22.73 11.23 6.60
C SER A 379 -23.61 12.43 6.84
N THR A 380 -23.01 13.60 6.74
CA THR A 380 -23.73 14.84 6.94
C THR A 380 -24.56 15.13 5.71
N VAL A 381 -25.60 15.94 5.86
CA VAL A 381 -26.43 16.31 4.72
C VAL A 381 -25.59 16.98 3.62
N ALA A 382 -24.62 17.79 4.01
CA ALA A 382 -23.77 18.49 3.04
C ALA A 382 -22.78 17.59 2.31
N ALA A 383 -22.64 16.35 2.77
CA ALA A 383 -21.70 15.41 2.18
C ALA A 383 -22.10 13.98 2.49
N TYR A 384 -23.28 13.58 2.02
CA TYR A 384 -23.89 12.33 2.45
C TYR A 384 -23.38 11.12 1.69
N ASP A 385 -23.40 9.97 2.37
CA ASP A 385 -23.17 8.67 1.74
C ASP A 385 -24.29 8.28 0.79
N TRP A 386 -23.93 7.52 -0.23
CA TRP A 386 -24.86 6.77 -1.05
C TRP A 386 -24.62 5.29 -0.79
N ILE A 387 -25.68 4.55 -0.56
CA ILE A 387 -25.58 3.09 -0.59
C ILE A 387 -26.31 2.64 -1.86
N ALA A 388 -25.56 2.15 -2.83
CA ALA A 388 -26.08 2.04 -4.19
C ALA A 388 -26.69 0.69 -4.56
N ASP A 389 -26.49 -0.33 -3.75
CA ASP A 389 -27.03 -1.65 -4.09
C ASP A 389 -27.69 -2.36 -2.91
N PHE A 390 -28.31 -1.59 -2.03
CA PHE A 390 -28.90 -2.15 -0.81
C PHE A 390 -29.96 -3.21 -1.13
N GLN A 391 -29.92 -4.30 -0.36
CA GLN A 391 -30.91 -5.38 -0.52
C GLN A 391 -31.78 -5.47 0.72
N LYS A 392 -32.98 -4.94 0.63
CA LYS A 392 -33.94 -5.00 1.71
C LYS A 392 -34.06 -6.45 2.19
N GLY A 393 -34.03 -6.64 3.51
CA GLY A 393 -34.20 -7.97 4.10
C GLY A 393 -32.93 -8.81 4.10
N ILE A 394 -31.86 -8.26 3.54
CA ILE A 394 -30.61 -9.01 3.38
C ILE A 394 -29.44 -8.21 3.94
N ASP A 395 -29.30 -6.97 3.49
CA ASP A 395 -28.24 -6.11 4.00
C ASP A 395 -28.67 -5.44 5.30
N LYS A 396 -27.71 -4.84 6.01
CA LYS A 396 -27.98 -4.15 7.26
C LYS A 396 -27.29 -2.80 7.24
N ILE A 397 -27.91 -1.83 7.89
CA ILE A 397 -27.25 -0.56 8.17
C ILE A 397 -27.07 -0.46 9.68
N ASP A 398 -25.83 -0.33 10.12
CA ASP A 398 -25.52 -0.39 11.54
C ASP A 398 -25.36 1.00 12.16
N LEU A 399 -26.28 1.36 13.05
CA LEU A 399 -26.24 2.66 13.71
C LEU A 399 -26.05 2.50 15.21
N SER A 400 -25.55 1.35 15.64
CA SER A 400 -25.46 1.06 17.07
C SER A 400 -24.51 2.00 17.80
N ALA A 401 -23.55 2.55 17.08
CA ALA A 401 -22.60 3.50 17.69
C ALA A 401 -23.28 4.75 18.24
N PHE A 402 -24.49 5.04 17.78
CA PHE A 402 -25.23 6.21 18.27
C PHE A 402 -25.85 5.97 19.65
N ARG A 403 -25.79 4.74 20.13
CA ARG A 403 -26.32 4.41 21.46
C ARG A 403 -25.64 5.24 22.54
N ASN A 404 -24.35 5.48 22.38
CA ASN A 404 -23.55 6.16 23.40
C ASN A 404 -24.13 7.49 23.87
N GLU A 405 -25.11 8.01 23.14
CA GLU A 405 -25.75 9.27 23.51
C GLU A 405 -27.26 9.13 23.60
N GLY A 406 -27.73 7.91 23.85
CA GLY A 406 -29.14 7.61 23.89
C GLY A 406 -29.49 6.72 22.71
N GLN A 407 -30.17 5.61 22.96
CA GLN A 407 -30.49 4.69 21.88
C GLN A 407 -31.52 5.28 20.92
N LEU A 408 -31.31 5.02 19.63
CA LEU A 408 -32.15 5.56 18.58
C LEU A 408 -33.55 4.95 18.60
N SER A 409 -34.56 5.79 18.35
CA SER A 409 -35.93 5.32 18.17
C SER A 409 -36.30 5.46 16.70
N PHE A 410 -37.10 4.53 16.21
CA PHE A 410 -37.59 4.60 14.84
CA PHE A 410 -37.61 4.59 14.84
C PHE A 410 -38.91 5.36 14.80
N VAL A 411 -38.98 6.38 13.94
CA VAL A 411 -40.23 7.10 13.73
C VAL A 411 -40.66 6.83 12.30
N GLN A 412 -41.96 6.83 12.06
CA GLN A 412 -42.48 6.41 10.76
C GLN A 412 -42.42 7.50 9.71
N ASP A 413 -42.99 8.67 10.02
CA ASP A 413 -43.09 9.72 9.00
C ASP A 413 -42.89 11.14 9.54
N GLN A 414 -42.55 11.27 10.82
CA GLN A 414 -42.32 12.58 11.40
C GLN A 414 -41.45 12.52 12.65
N PHE A 415 -40.57 13.50 12.81
CA PHE A 415 -39.75 13.60 14.01
C PHE A 415 -40.54 14.31 15.10
N THR A 416 -40.20 14.02 16.35
CA THR A 416 -40.87 14.64 17.51
C THR A 416 -40.13 15.88 17.97
N GLY A 417 -38.84 15.93 17.68
CA GLY A 417 -37.99 17.00 18.17
C GLY A 417 -37.14 16.53 19.34
N LYS A 418 -37.53 15.40 19.93
CA LYS A 418 -36.80 14.84 21.06
C LYS A 418 -35.36 14.46 20.72
N GLY A 419 -35.12 14.15 19.46
CA GLY A 419 -33.78 13.75 19.04
C GLY A 419 -33.54 12.26 19.21
N GLN A 420 -32.41 11.79 18.70
CA GLN A 420 -32.09 10.37 18.68
C GLN A 420 -33.22 9.57 18.01
N GLU A 421 -33.65 10.05 16.84
CA GLU A 421 -34.70 9.39 16.07
C GLU A 421 -34.21 9.10 14.65
N VAL A 422 -34.68 7.99 14.10
CA VAL A 422 -34.30 7.54 12.77
C VAL A 422 -35.55 7.39 11.93
N MET A 423 -35.51 7.90 10.71
CA MET A 423 -36.65 7.81 9.81
C MET A 423 -36.21 7.31 8.44
N LEU A 424 -36.96 6.38 7.86
CA LEU A 424 -36.75 6.00 6.48
C LEU A 424 -37.84 6.67 5.66
N GLN A 425 -37.44 7.39 4.62
CA GLN A 425 -38.41 8.08 3.79
C GLN A 425 -38.30 7.63 2.33
N TRP A 426 -39.38 7.08 1.81
CA TRP A 426 -39.41 6.55 0.45
C TRP A 426 -39.76 7.61 -0.60
N ASP A 427 -38.88 7.79 -1.57
CA ASP A 427 -39.09 8.71 -2.67
C ASP A 427 -39.52 7.86 -3.86
N ALA A 428 -40.84 7.74 -4.03
CA ALA A 428 -41.42 6.84 -5.02
C ALA A 428 -41.05 7.22 -6.44
N ALA A 429 -40.99 8.52 -6.70
CA ALA A 429 -40.68 9.03 -8.02
C ALA A 429 -39.28 8.62 -8.50
N ASN A 430 -38.34 8.53 -7.55
CA ASN A 430 -36.95 8.22 -7.90
C ASN A 430 -36.50 6.85 -7.43
N SER A 431 -37.34 6.19 -6.64
CA SER A 431 -37.00 4.91 -6.03
C SER A 431 -35.76 5.02 -5.15
N ILE A 432 -35.72 6.10 -4.37
CA ILE A 432 -34.65 6.32 -3.42
C ILE A 432 -35.23 6.33 -2.02
N THR A 433 -34.56 5.66 -1.09
CA THR A 433 -34.90 5.76 0.32
C THR A 433 -33.91 6.68 1.01
N ASN A 434 -34.41 7.71 1.68
CA ASN A 434 -33.55 8.59 2.46
C ASN A 434 -33.57 8.20 3.92
N LEU A 435 -32.40 7.83 4.45
CA LEU A 435 -32.29 7.54 5.88
C LEU A 435 -31.90 8.80 6.61
N TRP A 436 -32.83 9.31 7.43
CA TRP A 436 -32.61 10.53 8.20
C TRP A 436 -32.39 10.21 9.66
N LEU A 437 -31.39 10.82 10.27
CA LEU A 437 -31.18 10.63 11.68
C LEU A 437 -31.06 12.00 12.34
N HIS A 438 -31.98 12.29 13.25
CA HIS A 438 -31.94 13.52 14.02
C HIS A 438 -31.21 13.23 15.31
N GLU A 439 -29.99 13.75 15.41
CA GLU A 439 -29.09 13.41 16.50
C GLU A 439 -29.33 14.32 17.69
N ALA A 440 -29.10 13.79 18.89
CA ALA A 440 -29.29 14.56 20.12
C ALA A 440 -28.44 15.84 20.11
N GLY A 441 -29.07 16.97 20.40
CA GLY A 441 -28.37 18.23 20.52
C GLY A 441 -28.23 18.97 19.20
N HIS A 442 -28.84 18.44 18.15
CA HIS A 442 -28.85 19.10 16.87
C HIS A 442 -30.18 19.82 16.63
N SER A 443 -30.11 21.10 16.29
CA SER A 443 -31.31 21.90 16.07
C SER A 443 -31.99 21.49 14.76
N SER A 444 -31.18 21.02 13.82
CA SER A 444 -31.70 20.55 12.53
C SER A 444 -31.34 19.08 12.32
N VAL A 445 -31.96 18.45 11.33
CA VAL A 445 -31.67 17.06 10.99
C VAL A 445 -30.41 17.03 10.11
N ASP A 446 -29.29 16.58 10.67
CA ASP A 446 -28.00 16.76 9.99
C ASP A 446 -27.36 15.48 9.45
N PHE A 447 -28.02 14.35 9.65
CA PHE A 447 -27.46 13.07 9.21
C PHE A 447 -28.37 12.45 8.16
N LEU A 448 -27.78 12.11 7.01
CA LEU A 448 -28.51 11.55 5.89
C LEU A 448 -27.69 10.49 5.16
N VAL A 449 -28.30 9.35 4.89
CA VAL A 449 -27.74 8.36 3.97
C VAL A 449 -28.79 8.11 2.90
N ARG A 450 -28.43 8.29 1.63
CA ARG A 450 -29.37 8.04 0.55
C ARG A 450 -29.17 6.64 0.00
N ILE A 451 -30.28 5.93 -0.21
CA ILE A 451 -30.20 4.52 -0.59
C ILE A 451 -30.90 4.31 -1.92
N VAL A 452 -30.17 3.77 -2.88
CA VAL A 452 -30.79 3.41 -4.15
C VAL A 452 -31.54 2.09 -3.99
N GLY A 453 -32.82 2.19 -3.66
CA GLY A 453 -33.65 1.03 -3.46
C GLY A 453 -34.45 1.16 -2.18
N GLN A 454 -35.23 0.12 -1.88
CA GLN A 454 -36.05 0.09 -0.68
C GLN A 454 -35.26 -0.42 0.51
N ALA A 455 -35.62 0.07 1.69
CA ALA A 455 -35.05 -0.44 2.93
C ALA A 455 -36.17 -0.48 3.97
N ALA A 456 -36.12 -1.48 4.83
CA ALA A 456 -37.12 -1.61 5.88
C ALA A 456 -36.52 -1.26 7.22
N GLN A 457 -37.38 -0.94 8.17
CA GLN A 457 -36.95 -0.62 9.53
C GLN A 457 -36.11 -1.76 10.13
N SER A 458 -36.49 -3.00 9.84
CA SER A 458 -35.80 -4.16 10.38
C SER A 458 -34.44 -4.39 9.71
N ASP A 459 -34.11 -3.56 8.73
CA ASP A 459 -32.80 -3.60 8.09
C ASP A 459 -31.81 -2.73 8.86
N ILE A 460 -32.33 -1.91 9.77
CA ILE A 460 -31.51 -0.96 10.51
C ILE A 460 -31.16 -1.48 11.90
N ILE A 461 -29.87 -1.51 12.21
CA ILE A 461 -29.43 -1.92 13.54
C ILE A 461 -29.25 -0.72 14.45
N VAL A 462 -30.10 -0.61 15.47
CA VAL A 462 -29.99 0.47 16.44
C VAL A 462 -29.47 -0.05 17.77
N ALA B 1 30.94 2.31 5.81
CA ALA B 1 30.37 1.34 6.75
C ALA B 1 29.55 0.28 6.02
N GLU B 2 29.65 -0.95 6.49
CA GLU B 2 29.06 -2.09 5.79
C GLU B 2 27.77 -2.58 6.45
N ALA B 3 26.81 -2.95 5.62
CA ALA B 3 25.61 -3.64 6.09
C ALA B 3 25.56 -4.97 5.37
N ALA B 4 25.37 -6.05 6.13
CA ALA B 4 25.23 -7.38 5.54
C ALA B 4 23.76 -7.81 5.48
N GLN B 5 23.43 -8.66 4.52
CA GLN B 5 22.09 -9.23 4.41
C GLN B 5 22.02 -10.64 5.00
N ALA B 6 20.98 -10.91 5.78
CA ALA B 6 20.80 -12.22 6.41
C ALA B 6 20.70 -13.37 5.41
CA CA C . -2.43 7.95 -8.49
CA CA D . -5.24 9.58 -4.44
CA CA E . -16.34 -9.72 -0.20
CA CA F . -14.70 8.24 3.46
CA CA G . -20.90 -8.66 -0.25
CA CA H . -25.47 -7.44 -0.29
CA CA I . -19.04 8.83 4.86
CL CL J . -1.20 6.72 -12.68
CL CL K . 15.35 4.43 -12.07
#